data_3GSX
#
_entry.id   3GSX
#
_cell.length_a   54.001
_cell.length_b   81.036
_cell.length_c   57.320
_cell.angle_alpha   90.000
_cell.angle_beta   114.000
_cell.angle_gamma   90.000
#
_symmetry.space_group_name_H-M   'P 1 21 1'
#
loop_
_entity.id
_entity.type
_entity.pdbx_description
1 polymer 'HLA class I histocompatibility antigen, A-2 alpha chain'
2 polymer Beta-2-microglobulin
3 polymer 'HCMV pp65 fragment 495-503, variant T8V (NLVPMVAVV)'
4 water water
#
loop_
_entity_poly.entity_id
_entity_poly.type
_entity_poly.pdbx_seq_one_letter_code
_entity_poly.pdbx_strand_id
1 'polypeptide(L)'
;GSHSMRYFFTSVSRPGRGEPRFIAVGYVDDTQFVRFDSDAASQRMEPRAPWIEQEGPEYWDGETRKVKAHSQTHRVDLGT
LRGYYNQSEAGSHTVQRMYGCDVGSDWRFLRGYHQYAYDGKDYIALKEDLRSWTAADMAAQTTKHKWEAAHVAEQLRAYL
EGTCVEWLRRYLENGKETLQRTDAPKTHMTHHAVSDHEATLRCWALSFYPAEITLTWQRDGEDQTQDTELVETRPAGDGT
FQKWVAVVVPSGQEQRYTCHVQHEGLPKPLTLRW
;
A
2 'polypeptide(L)'
;MIQRTPKIQVYSRHPAENGKSNFLNCYVSGFHPSDIEVDLLKNGERIEKVEHSDLSFSKDWSFYLLYYTEFTPTEKDEYA
CRVNHVTLSQPKIVKWDRDM
;
B
3 'polypeptide(L)' NLVPMVAVV P
#
# COMPACT_ATOMS: atom_id res chain seq x y z
N GLY A 1 -9.53 17.37 -7.39
CA GLY A 1 -10.01 16.15 -8.11
C GLY A 1 -10.74 15.25 -7.12
N SER A 2 -10.78 13.96 -7.41
CA SER A 2 -11.51 13.02 -6.57
C SER A 2 -10.74 12.66 -5.28
N HIS A 3 -11.45 12.10 -4.30
CA HIS A 3 -10.82 11.73 -3.02
C HIS A 3 -11.43 10.45 -2.46
N SER A 4 -10.71 9.82 -1.54
CA SER A 4 -11.19 8.62 -0.88
C SER A 4 -10.78 8.56 0.59
N MET A 5 -11.58 7.82 1.37
CA MET A 5 -11.16 7.35 2.68
C MET A 5 -11.24 5.82 2.64
N ARG A 6 -10.16 5.16 3.03
CA ARG A 6 -10.11 3.70 3.03
C ARG A 6 -9.46 3.18 4.31
N TYR A 7 -10.03 2.11 4.85
CA TYR A 7 -9.44 1.39 5.97
C TYR A 7 -9.05 -0.02 5.52
N PHE A 8 -7.91 -0.50 6.03
CA PHE A 8 -7.36 -1.82 5.70
C PHE A 8 -7.06 -2.57 6.99
N PHE A 9 -7.55 -3.81 7.10
CA PHE A 9 -7.39 -4.61 8.32
C PHE A 9 -6.84 -6.01 8.01
N THR A 10 -5.81 -6.44 8.73
CA THR A 10 -5.27 -7.79 8.59
C THR A 10 -5.21 -8.48 9.94
N SER A 11 -5.76 -9.69 10.03
CA SER A 11 -5.58 -10.54 11.22
C SER A 11 -4.92 -11.86 10.81
N VAL A 12 -3.90 -12.27 11.55
CA VAL A 12 -3.15 -13.52 11.28
C VAL A 12 -3.17 -14.41 12.52
N SER A 13 -3.84 -15.57 12.45
CA SER A 13 -3.92 -16.46 13.61
C SER A 13 -2.56 -16.98 14.08
N ARG A 14 -2.42 -17.10 15.40
CA ARG A 14 -1.22 -17.61 16.05
C ARG A 14 -1.62 -18.86 16.85
N PRO A 15 -1.52 -20.03 16.20
CA PRO A 15 -2.02 -21.33 16.65
C PRO A 15 -1.62 -21.77 18.07
N GLY A 16 -0.32 -21.77 18.36
CA GLY A 16 0.16 -22.33 19.63
C GLY A 16 -0.41 -21.70 20.89
N ARG A 17 -0.64 -20.37 20.85
CA ARG A 17 -1.05 -19.63 22.03
C ARG A 17 -1.58 -18.26 21.68
N GLY A 18 -2.75 -17.91 22.23
CA GLY A 18 -3.17 -16.51 22.29
C GLY A 18 -3.97 -16.06 21.10
N GLU A 19 -4.28 -14.77 21.06
CA GLU A 19 -5.11 -14.18 20.01
C GLU A 19 -4.30 -13.85 18.76
N PRO A 20 -5.00 -13.64 17.63
CA PRO A 20 -4.34 -13.31 16.37
C PRO A 20 -3.61 -11.96 16.37
N ARG A 21 -2.58 -11.87 15.54
CA ARG A 21 -1.98 -10.57 15.25
C ARG A 21 -2.99 -9.75 14.43
N PHE A 22 -3.30 -8.54 14.88
CA PHE A 22 -4.28 -7.66 14.22
C PHE A 22 -3.67 -6.30 13.89
N ILE A 23 -3.71 -5.90 12.62
CA ILE A 23 -3.18 -4.60 12.21
C ILE A 23 -4.23 -3.86 11.39
N ALA A 24 -4.48 -2.62 11.77
CA ALA A 24 -5.46 -1.78 11.08
C ALA A 24 -4.80 -0.47 10.69
N VAL A 25 -5.02 -0.05 9.45
CA VAL A 25 -4.52 1.25 8.99
C VAL A 25 -5.64 2.01 8.27
N GLY A 26 -5.68 3.32 8.45
CA GLY A 26 -6.62 4.19 7.72
C GLY A 26 -5.90 5.22 6.86
N TYR A 27 -6.46 5.48 5.68
CA TYR A 27 -5.87 6.40 4.70
C TYR A 27 -6.89 7.43 4.26
N VAL A 28 -6.41 8.64 3.99
CA VAL A 28 -7.16 9.56 3.14
C VAL A 28 -6.31 9.69 1.87
N ASP A 29 -6.92 9.42 0.73
CA ASP A 29 -6.16 9.32 -0.52
C ASP A 29 -4.94 8.43 -0.29
N ASP A 30 -3.74 8.93 -0.59
CA ASP A 30 -2.51 8.18 -0.38
C ASP A 30 -1.78 8.53 0.93
N THR A 31 -2.51 9.12 1.87
CA THR A 31 -1.90 9.52 3.14
C THR A 31 -2.46 8.68 4.29
N GLN A 32 -1.59 7.93 4.97
CA GLN A 32 -2.02 7.20 6.17
C GLN A 32 -2.24 8.17 7.33
N PHE A 33 -3.36 8.04 8.04
CA PHE A 33 -3.66 8.97 9.14
C PHE A 33 -3.85 8.34 10.52
N VAL A 34 -4.11 7.04 10.55
CA VAL A 34 -4.26 6.28 11.82
C VAL A 34 -3.77 4.84 11.68
N ARG A 35 -3.52 4.22 12.83
CA ARG A 35 -3.09 2.83 12.92
C ARG A 35 -3.46 2.23 14.27
N PHE A 36 -3.66 0.92 14.25
CA PHE A 36 -3.72 0.11 15.46
C PHE A 36 -2.95 -1.16 15.16
N ASP A 37 -2.06 -1.53 16.06
CA ASP A 37 -1.34 -2.79 15.97
C ASP A 37 -1.52 -3.51 17.29
N SER A 38 -2.00 -4.74 17.25
CA SER A 38 -2.27 -5.49 18.46
C SER A 38 -1.01 -5.78 19.26
N ASP A 39 0.15 -5.78 18.62
CA ASP A 39 1.42 -6.07 19.31
C ASP A 39 2.06 -4.84 19.97
N ALA A 40 1.52 -3.66 19.70
CA ALA A 40 2.04 -2.44 20.29
C ALA A 40 1.54 -2.28 21.72
N ALA A 41 2.27 -1.47 22.50
CA ALA A 41 1.99 -1.29 23.93
C ALA A 41 0.72 -0.51 24.27
N SER A 42 0.40 0.52 23.49
CA SER A 42 -0.66 1.46 23.88
C SER A 42 -2.07 0.86 23.86
N GLN A 43 -2.29 -0.14 23.01
CA GLN A 43 -3.61 -0.69 22.75
C GLN A 43 -4.63 0.42 22.47
N ARG A 44 -4.19 1.45 21.73
CA ARG A 44 -5.06 2.56 21.30
C ARG A 44 -4.87 2.82 19.81
N MET A 45 -5.91 3.34 19.17
CA MET A 45 -5.75 3.90 17.83
C MET A 45 -4.77 5.06 17.92
N GLU A 46 -3.78 5.08 17.01
CA GLU A 46 -2.70 6.08 17.04
C GLU A 46 -2.74 6.99 15.82
N PRO A 47 -2.47 8.31 16.02
CA PRO A 47 -2.32 9.25 14.90
C PRO A 47 -1.07 8.98 14.05
N ARG A 48 -1.19 9.17 12.74
CA ARG A 48 -0.07 9.06 11.82
C ARG A 48 0.03 10.26 10.87
N ALA A 49 -0.88 11.22 11.01
CA ALA A 49 -0.78 12.53 10.33
C ALA A 49 -1.09 13.64 11.33
N PRO A 50 -0.36 14.76 11.26
CA PRO A 50 -0.58 15.86 12.21
C PRO A 50 -2.00 16.41 12.25
N TRP A 51 -2.70 16.46 11.12
CA TRP A 51 -4.08 17.00 11.08
C TRP A 51 -5.16 16.16 11.82
N ILE A 52 -4.90 14.87 12.04
CA ILE A 52 -5.85 14.05 12.82
C ILE A 52 -5.66 14.29 14.33
N GLU A 53 -4.51 14.86 14.70
CA GLU A 53 -4.21 15.21 16.09
C GLU A 53 -5.14 16.32 16.62
N GLN A 54 -5.75 17.07 15.70
CA GLN A 54 -6.78 18.07 16.04
C GLN A 54 -7.97 17.43 16.75
N GLU A 55 -8.19 16.13 16.52
CA GLU A 55 -9.34 15.44 17.10
C GLU A 55 -9.18 15.26 18.60
N GLY A 56 -10.29 15.39 19.32
CA GLY A 56 -10.27 15.34 20.79
C GLY A 56 -10.27 13.93 21.37
N PRO A 57 -10.17 13.82 22.71
CA PRO A 57 -10.12 12.54 23.42
C PRO A 57 -11.30 11.63 23.14
N GLU A 58 -12.49 12.20 22.90
CA GLU A 58 -13.68 11.40 22.58
C GLU A 58 -13.51 10.64 21.28
N TYR A 59 -12.93 11.30 20.26
CA TYR A 59 -12.62 10.65 19.00
C TYR A 59 -11.68 9.46 19.23
N TRP A 60 -10.57 9.69 19.94
CA TRP A 60 -9.63 8.61 20.24
C TRP A 60 -10.21 7.46 21.05
N ASP A 61 -11.07 7.77 22.03
CA ASP A 61 -11.80 6.74 22.77
C ASP A 61 -12.76 5.96 21.87
N GLY A 62 -13.53 6.68 21.06
CA GLY A 62 -14.51 6.08 20.13
C GLY A 62 -13.89 5.22 19.02
N GLU A 63 -12.81 5.73 18.42
CA GLU A 63 -12.05 4.97 17.42
C GLU A 63 -11.35 3.73 18.00
N THR A 64 -10.77 3.87 19.19
CA THR A 64 -10.17 2.75 19.89
C THR A 64 -11.19 1.63 20.18
N ARG A 65 -12.32 1.99 20.77
CA ARG A 65 -13.40 1.05 21.02
C ARG A 65 -13.80 0.29 19.75
N LYS A 66 -14.14 1.02 18.69
CA LYS A 66 -14.51 0.40 17.39
C LYS A 66 -13.39 -0.50 16.84
N VAL A 67 -12.14 -0.05 16.88
CA VAL A 67 -11.07 -0.83 16.28
C VAL A 67 -10.88 -2.18 17.02
N LYS A 68 -11.14 -2.16 18.32
CA LYS A 68 -11.07 -3.37 19.14
C LYS A 68 -12.22 -4.32 18.81
N ALA A 69 -13.39 -3.76 18.54
CA ALA A 69 -14.56 -4.50 18.05
C ALA A 69 -14.28 -5.15 16.69
N HIS A 70 -13.63 -4.42 15.79
CA HIS A 70 -13.17 -4.96 14.52
C HIS A 70 -12.30 -6.17 14.80
N SER A 71 -11.33 -6.00 15.70
CA SER A 71 -10.38 -7.07 16.06
C SER A 71 -11.08 -8.31 16.56
N GLN A 72 -12.11 -8.13 17.39
CA GLN A 72 -12.80 -9.28 17.96
C GLN A 72 -13.65 -10.02 16.94
N THR A 73 -14.29 -9.27 16.02
CA THR A 73 -15.01 -9.89 14.90
C THR A 73 -14.06 -10.76 14.05
N HIS A 74 -12.90 -10.20 13.67
CA HIS A 74 -11.85 -10.97 13.02
C HIS A 74 -11.42 -12.22 13.80
N ARG A 75 -11.20 -12.08 15.10
CA ARG A 75 -10.85 -13.24 15.94
C ARG A 75 -11.90 -14.34 15.80
N VAL A 76 -13.17 -14.00 16.04
CA VAL A 76 -14.29 -14.95 15.85
C VAL A 76 -14.33 -15.53 14.42
N ASP A 77 -14.16 -14.65 13.43
CA ASP A 77 -14.17 -15.05 12.03
C ASP A 77 -13.16 -16.14 11.70
N LEU A 78 -11.95 -16.03 12.23
CA LEU A 78 -10.91 -17.03 11.97
C LEU A 78 -11.30 -18.43 12.45
N GLY A 79 -11.99 -18.50 13.58
CA GLY A 79 -12.53 -19.76 14.09
C GLY A 79 -13.70 -20.28 13.25
N THR A 80 -14.62 -19.39 12.89
CA THR A 80 -15.75 -19.77 12.04
C THR A 80 -15.28 -20.31 10.69
N LEU A 81 -14.32 -19.61 10.09
CA LEU A 81 -13.82 -19.96 8.76
C LEU A 81 -13.00 -21.25 8.74
N ARG A 82 -12.20 -21.49 9.78
CA ARG A 82 -11.53 -22.77 9.99
C ARG A 82 -12.57 -23.91 10.02
N GLY A 83 -13.71 -23.64 10.68
CA GLY A 83 -14.84 -24.56 10.72
C GLY A 83 -15.53 -24.77 9.38
N TYR A 84 -15.77 -23.69 8.64
CA TYR A 84 -16.41 -23.78 7.33
C TYR A 84 -15.58 -24.60 6.34
N TYR A 85 -14.26 -24.45 6.42
CA TYR A 85 -13.35 -25.08 5.47
C TYR A 85 -12.73 -26.38 5.97
N ASN A 86 -13.25 -26.93 7.07
CA ASN A 86 -12.74 -28.18 7.65
C ASN A 86 -11.20 -28.21 7.82
N GLN A 87 -10.62 -27.13 8.32
CA GLN A 87 -9.18 -27.04 8.48
C GLN A 87 -8.79 -27.38 9.93
N SER A 88 -7.51 -27.74 10.14
CA SER A 88 -7.00 -28.03 11.48
C SER A 88 -6.60 -26.78 12.27
N GLU A 89 -6.12 -27.00 13.50
CA GLU A 89 -5.66 -25.95 14.41
C GLU A 89 -4.18 -25.64 14.26
N ALA A 90 -3.48 -26.43 13.46
CA ALA A 90 -2.02 -26.34 13.38
C ALA A 90 -1.51 -25.16 12.55
N GLY A 91 -2.22 -24.82 11.48
CA GLY A 91 -1.70 -23.85 10.52
C GLY A 91 -2.15 -22.44 10.80
N SER A 92 -1.34 -21.48 10.35
CA SER A 92 -1.70 -20.07 10.46
C SER A 92 -2.64 -19.68 9.31
N HIS A 93 -3.63 -18.84 9.61
CA HIS A 93 -4.53 -18.32 8.57
C HIS A 93 -4.72 -16.79 8.65
N THR A 94 -5.20 -16.20 7.57
CA THR A 94 -5.30 -14.75 7.38
C THR A 94 -6.71 -14.35 6.97
N VAL A 95 -7.26 -13.32 7.63
CA VAL A 95 -8.40 -12.58 7.10
C VAL A 95 -7.97 -11.15 6.81
N GLN A 96 -8.47 -10.61 5.71
CA GLN A 96 -8.20 -9.24 5.27
C GLN A 96 -9.54 -8.55 4.95
N ARG A 97 -9.68 -7.30 5.38
CA ARG A 97 -10.88 -6.50 5.14
C ARG A 97 -10.45 -5.11 4.67
N MET A 98 -11.11 -4.62 3.63
CA MET A 98 -10.93 -3.23 3.20
C MET A 98 -12.32 -2.64 2.99
N TYR A 99 -12.54 -1.44 3.53
CA TYR A 99 -13.73 -0.68 3.14
C TYR A 99 -13.46 0.83 3.06
N GLY A 100 -14.40 1.55 2.48
CA GLY A 100 -14.27 3.00 2.40
C GLY A 100 -15.18 3.61 1.34
N CYS A 101 -15.01 4.90 1.10
CA CYS A 101 -15.84 5.62 0.16
C CYS A 101 -14.99 6.49 -0.77
N ASP A 102 -15.51 6.72 -1.99
CA ASP A 102 -14.95 7.68 -2.95
C ASP A 102 -15.88 8.89 -3.09
N VAL A 103 -15.28 10.06 -3.33
CA VAL A 103 -16.04 11.28 -3.68
C VAL A 103 -15.34 11.93 -4.88
N GLY A 104 -16.11 12.58 -5.75
CA GLY A 104 -15.55 13.27 -6.90
C GLY A 104 -15.03 14.65 -6.53
N SER A 105 -14.72 15.45 -7.55
CA SER A 105 -14.20 16.81 -7.36
C SER A 105 -15.14 17.71 -6.55
N ASP A 106 -16.44 17.42 -6.59
CA ASP A 106 -17.43 18.18 -5.80
C ASP A 106 -17.57 17.70 -4.36
N TRP A 107 -16.81 16.67 -3.99
CA TRP A 107 -16.86 16.05 -2.65
C TRP A 107 -18.21 15.39 -2.34
N ARG A 108 -18.95 15.00 -3.37
CA ARG A 108 -20.19 14.25 -3.19
C ARG A 108 -19.89 12.76 -3.39
N PHE A 109 -20.64 11.92 -2.67
CA PHE A 109 -20.56 10.46 -2.77
C PHE A 109 -20.52 10.01 -4.22
N LEU A 110 -19.51 9.20 -4.52
CA LEU A 110 -19.38 8.54 -5.81
C LEU A 110 -19.57 7.03 -5.69
N ARG A 111 -18.84 6.43 -4.75
CA ARG A 111 -18.72 4.97 -4.64
C ARG A 111 -18.41 4.56 -3.21
N GLY A 112 -18.95 3.42 -2.80
CA GLY A 112 -18.63 2.80 -1.50
C GLY A 112 -18.26 1.35 -1.73
N TYR A 113 -17.51 0.76 -0.80
CA TYR A 113 -17.03 -0.63 -0.95
C TYR A 113 -16.74 -1.28 0.40
N HIS A 114 -16.87 -2.59 0.43
CA HIS A 114 -16.61 -3.36 1.62
C HIS A 114 -16.31 -4.78 1.18
N GLN A 115 -15.05 -5.16 1.23
CA GLN A 115 -14.61 -6.46 0.73
C GLN A 115 -13.76 -7.21 1.75
N TYR A 116 -13.81 -8.53 1.65
CA TYR A 116 -13.32 -9.43 2.69
C TYR A 116 -12.67 -10.66 2.04
N ALA A 117 -11.50 -11.06 2.54
CA ALA A 117 -10.74 -12.19 1.99
C ALA A 117 -10.29 -13.14 3.08
N TYR A 118 -10.18 -14.42 2.74
CA TYR A 118 -9.63 -15.44 3.65
C TYR A 118 -8.49 -16.13 2.94
N ASP A 119 -7.34 -16.21 3.62
CA ASP A 119 -6.08 -16.74 3.06
C ASP A 119 -5.77 -16.22 1.67
N GLY A 120 -6.05 -14.92 1.46
CA GLY A 120 -5.64 -14.21 0.26
C GLY A 120 -6.53 -14.36 -0.95
N LYS A 121 -7.71 -14.98 -0.74
CA LYS A 121 -8.73 -15.19 -1.79
C LYS A 121 -10.04 -14.43 -1.48
N ASP A 122 -10.70 -13.93 -2.52
CA ASP A 122 -12.06 -13.36 -2.37
C ASP A 122 -12.92 -14.27 -1.52
N TYR A 123 -13.57 -13.71 -0.52
CA TYR A 123 -14.56 -14.45 0.26
C TYR A 123 -15.95 -13.87 -0.03
N ILE A 124 -16.20 -12.65 0.47
CA ILE A 124 -17.45 -11.93 0.23
C ILE A 124 -17.19 -10.41 0.10
N ALA A 125 -17.94 -9.75 -0.77
CA ALA A 125 -17.81 -8.31 -1.02
C ALA A 125 -19.20 -7.72 -1.23
N LEU A 126 -19.35 -6.47 -0.79
CA LEU A 126 -20.58 -5.70 -1.05
C LEU A 126 -20.56 -5.27 -2.51
N LYS A 127 -21.69 -5.37 -3.21
CA LYS A 127 -21.77 -4.94 -4.61
C LYS A 127 -21.86 -3.43 -4.74
N GLU A 128 -21.66 -2.91 -5.95
CA GLU A 128 -21.67 -1.47 -6.24
C GLU A 128 -22.90 -0.74 -5.71
N ASP A 129 -24.08 -1.36 -5.84
CA ASP A 129 -25.33 -0.72 -5.42
C ASP A 129 -25.46 -0.62 -3.90
N LEU A 130 -24.54 -1.27 -3.19
CA LEU A 130 -24.55 -1.33 -1.71
C LEU A 130 -25.82 -1.98 -1.14
N ARG A 131 -26.44 -2.84 -1.93
CA ARG A 131 -27.67 -3.51 -1.51
C ARG A 131 -27.56 -5.02 -1.46
N SER A 132 -26.53 -5.56 -2.10
CA SER A 132 -26.37 -7.00 -2.27
C SER A 132 -24.91 -7.46 -2.14
N TRP A 133 -24.69 -8.78 -2.13
CA TRP A 133 -23.37 -9.37 -1.89
C TRP A 133 -22.90 -10.31 -3.00
N THR A 134 -21.59 -10.34 -3.19
CA THR A 134 -20.92 -11.31 -4.05
C THR A 134 -20.18 -12.29 -3.17
N ALA A 135 -20.63 -13.54 -3.17
CA ALA A 135 -20.05 -14.62 -2.37
C ALA A 135 -19.38 -15.60 -3.31
N ALA A 136 -18.08 -15.84 -3.10
CA ALA A 136 -17.24 -16.58 -4.05
C ALA A 136 -17.48 -18.10 -4.03
N ASP A 137 -17.88 -18.60 -2.87
CA ASP A 137 -18.09 -20.03 -2.69
C ASP A 137 -19.25 -20.30 -1.72
N MET A 138 -19.46 -21.58 -1.39
CA MET A 138 -20.60 -21.99 -0.58
C MET A 138 -20.49 -21.60 0.90
N ALA A 139 -19.25 -21.50 1.39
CA ALA A 139 -19.00 -20.96 2.71
C ALA A 139 -19.42 -19.49 2.77
N ALA A 140 -19.03 -18.72 1.76
CA ALA A 140 -19.40 -17.30 1.68
C ALA A 140 -20.92 -17.12 1.48
N GLN A 141 -21.54 -18.07 0.78
CA GLN A 141 -22.98 -18.08 0.57
C GLN A 141 -23.75 -18.24 1.89
N THR A 142 -23.21 -19.05 2.79
CA THR A 142 -23.76 -19.12 4.15
C THR A 142 -23.65 -17.79 4.90
N THR A 143 -22.48 -17.15 4.80
CA THR A 143 -22.32 -15.78 5.35
C THR A 143 -23.34 -14.79 4.72
N LYS A 144 -23.47 -14.80 3.40
CA LYS A 144 -24.44 -13.96 2.69
C LYS A 144 -25.86 -14.08 3.26
N HIS A 145 -26.36 -15.32 3.40
CA HIS A 145 -27.68 -15.54 3.98
C HIS A 145 -27.79 -14.95 5.40
N LYS A 146 -26.74 -15.17 6.20
CA LYS A 146 -26.67 -14.65 7.59
C LYS A 146 -26.78 -13.12 7.57
N TRP A 147 -26.03 -12.49 6.68
CA TRP A 147 -26.01 -11.04 6.54
C TRP A 147 -27.29 -10.45 5.91
N GLU A 148 -27.97 -11.22 5.06
CA GLU A 148 -29.27 -10.77 4.53
C GLU A 148 -30.32 -10.74 5.64
N ALA A 149 -30.38 -11.81 6.44
CA ALA A 149 -31.31 -11.89 7.57
C ALA A 149 -31.10 -10.75 8.58
N ALA A 150 -29.85 -10.38 8.81
CA ALA A 150 -29.49 -9.34 9.79
C ALA A 150 -29.49 -7.92 9.19
N HIS A 151 -29.81 -7.81 7.91
CA HIS A 151 -29.81 -6.52 7.19
C HIS A 151 -28.49 -5.77 7.34
N VAL A 152 -27.40 -6.49 7.13
CA VAL A 152 -26.05 -5.94 7.25
C VAL A 152 -25.80 -4.88 6.17
N ALA A 153 -26.15 -5.18 4.93
CA ALA A 153 -25.97 -4.25 3.81
C ALA A 153 -26.57 -2.86 4.12
N GLU A 154 -27.75 -2.87 4.74
CA GLU A 154 -28.45 -1.64 5.06
CA GLU A 154 -28.49 -1.66 5.14
C GLU A 154 -27.66 -0.75 6.02
N GLN A 155 -27.01 -1.34 7.02
CA GLN A 155 -26.21 -0.58 7.99
C GLN A 155 -24.94 -0.04 7.32
N LEU A 156 -24.29 -0.87 6.50
CA LEU A 156 -23.08 -0.48 5.79
C LEU A 156 -23.32 0.65 4.79
N ARG A 157 -24.41 0.55 4.04
CA ARG A 157 -24.81 1.61 3.11
C ARG A 157 -25.00 2.96 3.81
N ALA A 158 -25.65 2.96 4.97
CA ALA A 158 -25.86 4.19 5.72
C ALA A 158 -24.50 4.84 6.10
N TYR A 159 -23.57 4.02 6.60
CA TYR A 159 -22.22 4.49 6.91
C TYR A 159 -21.49 5.02 5.66
N LEU A 160 -21.45 4.20 4.61
CA LEU A 160 -20.69 4.51 3.39
C LEU A 160 -21.14 5.79 2.67
N GLU A 161 -22.45 6.01 2.64
CA GLU A 161 -23.04 7.22 2.01
C GLU A 161 -23.15 8.39 2.99
N GLY A 162 -23.10 8.11 4.29
CA GLY A 162 -23.29 9.12 5.32
C GLY A 162 -22.01 9.49 6.05
N THR A 163 -21.79 8.84 7.18
CA THR A 163 -20.62 9.09 8.03
C THR A 163 -19.29 9.13 7.26
N CYS A 164 -19.08 8.14 6.37
CA CYS A 164 -17.81 7.98 5.66
C CYS A 164 -17.50 9.26 4.86
N VAL A 165 -18.45 9.68 4.05
CA VAL A 165 -18.37 10.88 3.21
C VAL A 165 -18.28 12.15 4.08
N GLU A 166 -19.12 12.22 5.11
CA GLU A 166 -19.09 13.35 6.02
CA GLU A 166 -19.10 13.35 6.04
C GLU A 166 -17.71 13.54 6.65
N TRP A 167 -17.12 12.44 7.11
CA TRP A 167 -15.83 12.52 7.80
C TRP A 167 -14.62 12.66 6.88
N LEU A 168 -14.69 12.10 5.68
CA LEU A 168 -13.69 12.40 4.64
C LEU A 168 -13.63 13.92 4.33
N ARG A 169 -14.79 14.54 4.14
CA ARG A 169 -14.90 15.99 3.91
C ARG A 169 -14.26 16.73 5.08
N ARG A 170 -14.57 16.29 6.29
CA ARG A 170 -13.99 16.86 7.50
C ARG A 170 -12.46 16.75 7.54
N TYR A 171 -11.94 15.56 7.23
CA TYR A 171 -10.50 15.35 7.18
C TYR A 171 -9.84 16.21 6.10
N LEU A 172 -10.48 16.28 4.93
CA LEU A 172 -9.96 17.05 3.80
C LEU A 172 -9.79 18.53 4.14
N GLU A 173 -10.76 19.07 4.87
CA GLU A 173 -10.72 20.45 5.34
C GLU A 173 -9.62 20.67 6.40
N ASN A 174 -9.58 19.83 7.44
CA ASN A 174 -8.57 19.96 8.51
C ASN A 174 -7.13 19.73 8.04
N GLY A 175 -6.96 18.90 7.02
CA GLY A 175 -5.65 18.61 6.46
C GLY A 175 -5.41 19.31 5.14
N LYS A 176 -6.19 20.37 4.90
CA LYS A 176 -6.15 21.09 3.62
CA LYS A 176 -6.14 21.12 3.64
C LYS A 176 -4.73 21.37 3.11
N GLU A 177 -3.83 21.79 4.00
CA GLU A 177 -2.48 22.23 3.62
C GLU A 177 -1.65 21.18 2.86
N THR A 178 -1.86 19.90 3.19
CA THR A 178 -1.18 18.81 2.50
C THR A 178 -2.13 17.95 1.66
N LEU A 179 -3.30 17.62 2.22
CA LEU A 179 -4.26 16.74 1.57
C LEU A 179 -4.83 17.33 0.27
N GLN A 180 -4.96 18.64 0.22
CA GLN A 180 -5.49 19.31 -0.97
C GLN A 180 -4.38 19.92 -1.83
N ARG A 181 -3.12 19.61 -1.50
CA ARG A 181 -1.97 20.04 -2.28
C ARG A 181 -1.49 18.92 -3.22
N THR A 182 -1.18 19.29 -4.47
CA THR A 182 -0.54 18.37 -5.40
C THR A 182 0.95 18.67 -5.47
N ASP A 183 1.77 17.61 -5.42
CA ASP A 183 3.19 17.76 -5.60
C ASP A 183 3.57 17.20 -6.97
N ALA A 184 3.95 18.08 -7.90
CA ALA A 184 4.35 17.69 -9.26
C ALA A 184 5.63 16.87 -9.23
N PRO A 185 5.73 15.84 -10.10
CA PRO A 185 6.94 15.03 -10.11
C PRO A 185 8.16 15.83 -10.55
N LYS A 186 9.29 15.57 -9.90
CA LYS A 186 10.57 16.09 -10.33
C LYS A 186 11.19 15.05 -11.26
N THR A 187 11.35 15.42 -12.52
CA THR A 187 11.79 14.47 -13.54
C THR A 187 13.22 14.72 -14.02
N HIS A 188 13.92 13.64 -14.36
CA HIS A 188 15.21 13.68 -15.07
C HIS A 188 15.45 12.34 -15.77
N MET A 189 16.50 12.29 -16.59
CA MET A 189 16.83 11.10 -17.38
C MET A 189 18.28 10.66 -17.15
N THR A 190 18.49 9.34 -17.01
CA THR A 190 19.84 8.78 -16.94
C THR A 190 20.19 7.90 -18.16
N HIS A 191 21.49 7.68 -18.39
CA HIS A 191 22.01 6.93 -19.54
C HIS A 191 23.06 5.92 -19.09
N HIS A 192 22.98 4.70 -19.63
CA HIS A 192 23.98 3.65 -19.40
C HIS A 192 24.23 2.88 -20.69
N ALA A 193 25.45 2.35 -20.82
CA ALA A 193 25.86 1.59 -22.00
C ALA A 193 26.24 0.17 -21.59
N VAL A 194 25.65 -0.82 -22.26
CA VAL A 194 25.94 -2.23 -21.93
C VAL A 194 27.09 -2.80 -22.79
N SER A 195 27.10 -2.37 -24.03
CA SER A 195 28.12 -2.72 -25.01
C SER A 195 28.28 -1.46 -25.87
N ASP A 196 29.10 -1.52 -26.92
CA ASP A 196 29.25 -0.33 -27.75
C ASP A 196 28.16 -0.19 -28.83
N HIS A 197 27.14 -1.04 -28.76
CA HIS A 197 26.02 -0.91 -29.68
C HIS A 197 24.67 -0.56 -29.02
N GLU A 198 24.54 -0.87 -27.73
CA GLU A 198 23.25 -0.87 -27.01
C GLU A 198 23.28 0.04 -25.75
N ALA A 199 22.31 0.96 -25.66
CA ALA A 199 22.20 1.91 -24.53
C ALA A 199 20.86 1.82 -23.79
N THR A 200 20.89 2.14 -22.49
CA THR A 200 19.68 2.17 -21.67
C THR A 200 19.38 3.61 -21.27
N LEU A 201 18.15 4.08 -21.54
CA LEU A 201 17.68 5.38 -21.06
C LEU A 201 16.64 5.19 -19.97
N ARG A 202 16.81 5.90 -18.85
CA ARG A 202 15.88 5.78 -17.73
C ARG A 202 15.28 7.12 -17.39
N CYS A 203 13.95 7.19 -17.44
CA CYS A 203 13.22 8.41 -17.15
C CYS A 203 12.64 8.31 -15.74
N TRP A 204 13.03 9.27 -14.89
CA TRP A 204 12.69 9.26 -13.47
C TRP A 204 11.64 10.27 -13.11
N ALA A 205 10.73 9.86 -12.22
CA ALA A 205 9.78 10.78 -11.61
C ALA A 205 9.92 10.63 -10.10
N LEU A 206 10.22 11.74 -9.45
CA LEU A 206 10.46 11.75 -8.02
C LEU A 206 9.59 12.76 -7.29
N SER A 207 9.32 12.45 -6.03
CA SER A 207 8.78 13.41 -5.08
C SER A 207 7.38 13.90 -5.45
N PHE A 208 6.55 12.99 -5.97
CA PHE A 208 5.20 13.39 -6.41
C PHE A 208 4.09 12.90 -5.47
N TYR A 209 2.97 13.64 -5.47
CA TYR A 209 1.77 13.29 -4.70
C TYR A 209 0.56 13.91 -5.42
N PRO A 210 -0.54 13.14 -5.61
CA PRO A 210 -0.84 11.74 -5.24
C PRO A 210 0.00 10.69 -5.98
N ALA A 211 -0.16 9.42 -5.61
CA ALA A 211 0.62 8.31 -6.21
C ALA A 211 0.37 8.10 -7.70
N GLU A 212 -0.87 8.39 -8.14
CA GLU A 212 -1.26 8.17 -9.53
C GLU A 212 -0.37 8.95 -10.48
N ILE A 213 0.18 8.24 -11.47
CA ILE A 213 1.06 8.84 -12.49
C ILE A 213 1.12 7.98 -13.74
N THR A 214 1.39 8.59 -14.89
CA THR A 214 1.68 7.85 -16.11
C THR A 214 3.01 8.27 -16.73
N LEU A 215 3.87 7.29 -16.95
CA LEU A 215 5.17 7.49 -17.61
C LEU A 215 5.22 6.57 -18.82
N THR A 216 5.56 7.13 -19.97
CA THR A 216 5.65 6.34 -21.21
C THR A 216 6.76 6.87 -22.09
N TRP A 217 7.27 6.00 -22.97
CA TRP A 217 8.24 6.39 -23.99
C TRP A 217 7.57 6.50 -25.36
N GLN A 218 8.07 7.43 -26.17
CA GLN A 218 7.77 7.45 -27.59
C GLN A 218 9.06 7.35 -28.38
N ARG A 219 8.95 6.80 -29.59
CA ARG A 219 10.06 6.75 -30.55
C ARG A 219 9.55 7.43 -31.82
N ASP A 220 10.21 8.51 -32.22
CA ASP A 220 9.81 9.33 -33.37
C ASP A 220 8.32 9.69 -33.31
N GLY A 221 7.84 10.02 -32.11
CA GLY A 221 6.47 10.50 -31.92
C GLY A 221 5.41 9.42 -31.77
N GLU A 222 5.84 8.15 -31.75
CA GLU A 222 4.90 7.04 -31.59
C GLU A 222 5.19 6.24 -30.31
N ASP A 223 4.14 5.80 -29.64
CA ASP A 223 4.28 5.03 -28.40
C ASP A 223 5.18 3.80 -28.55
N GLN A 224 6.15 3.70 -27.64
CA GLN A 224 7.12 2.63 -27.62
C GLN A 224 6.93 1.82 -26.34
N THR A 225 6.57 0.55 -26.48
CA THR A 225 6.39 -0.35 -25.34
C THR A 225 7.40 -1.51 -25.34
N GLN A 226 7.75 -2.02 -26.52
CA GLN A 226 8.81 -3.02 -26.61
C GLN A 226 10.14 -2.49 -26.12
N ASP A 227 10.90 -3.38 -25.50
CA ASP A 227 12.21 -3.05 -24.93
C ASP A 227 12.15 -2.00 -23.80
N THR A 228 10.99 -1.87 -23.15
CA THR A 228 10.83 -0.97 -22.01
C THR A 228 10.67 -1.74 -20.72
N GLU A 229 11.10 -1.11 -19.62
CA GLU A 229 10.89 -1.63 -18.27
C GLU A 229 10.27 -0.53 -17.41
N LEU A 230 9.11 -0.82 -16.83
CA LEU A 230 8.36 0.14 -16.01
C LEU A 230 8.23 -0.39 -14.58
N VAL A 231 8.87 0.26 -13.60
CA VAL A 231 8.77 -0.22 -12.19
C VAL A 231 7.50 0.20 -11.48
N GLU A 232 7.13 -0.58 -10.46
CA GLU A 232 5.99 -0.26 -9.59
C GLU A 232 6.19 1.08 -8.90
N THR A 233 5.13 1.88 -8.79
CA THR A 233 5.20 3.13 -8.05
C THR A 233 5.53 2.80 -6.59
N ARG A 234 6.54 3.50 -6.05
CA ARG A 234 7.07 3.18 -4.72
C ARG A 234 7.06 4.40 -3.80
N PRO A 235 6.84 4.17 -2.47
CA PRO A 235 6.87 5.27 -1.51
C PRO A 235 8.31 5.72 -1.24
N ALA A 236 8.52 7.03 -1.25
CA ALA A 236 9.82 7.59 -0.91
C ALA A 236 10.10 7.47 0.58
N GLY A 237 9.02 7.45 1.38
CA GLY A 237 9.14 7.38 2.83
C GLY A 237 8.83 8.70 3.52
N ASP A 238 8.73 9.78 2.76
CA ASP A 238 8.36 11.10 3.31
C ASP A 238 6.95 11.55 2.91
N GLY A 239 6.12 10.59 2.49
CA GLY A 239 4.75 10.91 2.06
C GLY A 239 4.59 10.95 0.54
N THR A 240 5.69 11.14 -0.18
CA THR A 240 5.66 11.24 -1.64
C THR A 240 6.06 9.93 -2.32
N PHE A 241 6.01 9.91 -3.65
CA PHE A 241 6.15 8.66 -4.41
C PHE A 241 7.18 8.81 -5.51
N GLN A 242 7.68 7.67 -5.99
CA GLN A 242 8.70 7.63 -7.03
C GLN A 242 8.31 6.62 -8.10
N LYS A 243 8.83 6.80 -9.30
CA LYS A 243 8.68 5.81 -10.37
C LYS A 243 9.69 6.09 -11.46
N TRP A 244 10.04 5.05 -12.22
CA TRP A 244 10.80 5.25 -13.44
C TRP A 244 10.37 4.32 -14.55
N VAL A 245 10.76 4.68 -15.77
CA VAL A 245 10.55 3.84 -16.95
C VAL A 245 11.83 3.90 -17.79
N ALA A 246 12.32 2.73 -18.19
CA ALA A 246 13.54 2.64 -18.98
C ALA A 246 13.23 2.10 -20.38
N VAL A 247 14.06 2.46 -21.34
CA VAL A 247 14.01 1.90 -22.70
C VAL A 247 15.43 1.58 -23.16
N VAL A 248 15.57 0.48 -23.90
CA VAL A 248 16.83 0.08 -24.50
C VAL A 248 16.82 0.51 -25.96
N VAL A 249 17.91 1.13 -26.39
CA VAL A 249 18.03 1.77 -27.68
C VAL A 249 19.42 1.54 -28.29
N PRO A 250 19.52 1.62 -29.62
CA PRO A 250 20.85 1.53 -30.23
C PRO A 250 21.66 2.80 -29.94
N SER A 251 22.90 2.64 -29.51
CA SER A 251 23.80 3.78 -29.25
C SER A 251 23.81 4.68 -30.48
N GLY A 252 23.63 5.98 -30.25
CA GLY A 252 23.63 6.97 -31.32
C GLY A 252 22.25 7.45 -31.71
N GLN A 253 21.23 6.71 -31.31
CA GLN A 253 19.85 6.99 -31.69
C GLN A 253 19.01 7.55 -30.53
N GLU A 254 19.68 7.85 -29.42
CA GLU A 254 19.01 8.35 -28.20
C GLU A 254 18.00 9.47 -28.48
N GLN A 255 18.35 10.33 -29.44
CA GLN A 255 17.54 11.51 -29.75
C GLN A 255 16.13 11.20 -30.28
N ARG A 256 15.90 9.98 -30.78
CA ARG A 256 14.58 9.60 -31.31
C ARG A 256 13.53 9.41 -30.21
N TYR A 257 14.00 9.25 -28.98
CA TYR A 257 13.18 8.75 -27.87
C TYR A 257 12.83 9.89 -26.91
N THR A 258 11.54 10.03 -26.61
CA THR A 258 11.08 11.00 -25.64
C THR A 258 10.26 10.32 -24.55
N CYS A 259 10.42 10.83 -23.33
CA CYS A 259 9.67 10.38 -22.17
C CYS A 259 8.53 11.35 -21.89
N HIS A 260 7.35 10.81 -21.61
CA HIS A 260 6.16 11.62 -21.40
C HIS A 260 5.53 11.33 -20.04
N VAL A 261 5.29 12.40 -19.29
CA VAL A 261 4.88 12.32 -17.90
C VAL A 261 3.53 13.01 -17.70
N GLN A 262 2.53 12.26 -17.25
CA GLN A 262 1.23 12.82 -16.88
C GLN A 262 1.01 12.67 -15.37
N HIS A 263 0.58 13.76 -14.73
CA HIS A 263 0.31 13.80 -13.27
C HIS A 263 -0.63 14.97 -12.95
N GLU A 264 -1.57 14.77 -12.05
CA GLU A 264 -2.51 15.87 -11.70
C GLU A 264 -1.86 17.17 -11.22
N GLY A 265 -0.62 17.09 -10.76
CA GLY A 265 0.16 18.27 -10.38
C GLY A 265 0.76 19.03 -11.55
N LEU A 266 0.54 18.51 -12.76
CA LEU A 266 1.04 19.14 -13.99
C LEU A 266 -0.15 19.57 -14.82
N PRO A 267 -0.34 20.88 -15.02
CA PRO A 267 -1.45 21.36 -15.87
C PRO A 267 -1.39 20.82 -17.30
N LYS A 268 -0.18 20.61 -17.81
CA LYS A 268 0.04 19.92 -19.09
C LYS A 268 1.09 18.81 -18.94
N PRO A 269 0.93 17.71 -19.71
CA PRO A 269 1.96 16.67 -19.75
C PRO A 269 3.36 17.21 -20.07
N LEU A 270 4.37 16.59 -19.47
CA LEU A 270 5.77 16.99 -19.62
C LEU A 270 6.51 16.05 -20.57
N THR A 271 7.44 16.60 -21.34
CA THR A 271 8.28 15.82 -22.27
C THR A 271 9.78 15.96 -21.92
N LEU A 272 10.47 14.82 -21.80
CA LEU A 272 11.92 14.82 -21.59
C LEU A 272 12.67 14.17 -22.76
N ARG A 273 13.93 14.58 -22.94
CA ARG A 273 14.78 14.11 -24.04
C ARG A 273 16.20 13.95 -23.50
N TRP A 274 16.97 13.05 -24.10
CA TRP A 274 18.37 12.90 -23.70
C TRP A 274 19.26 13.95 -24.36
N MET B 1 -3.08 -23.34 0.12
CA MET B 1 -2.92 -21.88 0.37
C MET B 1 -2.35 -21.17 -0.86
N ILE B 2 -2.78 -19.94 -1.11
CA ILE B 2 -2.13 -19.12 -2.13
C ILE B 2 -0.78 -18.65 -1.59
N GLN B 3 0.23 -18.67 -2.46
CA GLN B 3 1.54 -18.18 -2.09
C GLN B 3 2.13 -17.35 -3.21
N ARG B 4 2.47 -16.11 -2.86
CA ARG B 4 2.97 -15.13 -3.80
C ARG B 4 4.31 -14.61 -3.32
N THR B 5 5.28 -14.53 -4.24
CA THR B 5 6.66 -14.18 -3.89
CA THR B 5 6.65 -14.19 -3.90
C THR B 5 6.86 -12.67 -3.92
N PRO B 6 7.64 -12.13 -2.96
CA PRO B 6 7.73 -10.66 -2.94
C PRO B 6 8.55 -10.09 -4.09
N LYS B 7 8.10 -8.96 -4.63
CA LYS B 7 8.94 -8.10 -5.48
C LYS B 7 9.77 -7.21 -4.55
N ILE B 8 10.99 -6.89 -4.96
CA ILE B 8 11.88 -6.09 -4.13
C ILE B 8 12.46 -4.93 -4.94
N GLN B 9 12.37 -3.72 -4.37
CA GLN B 9 13.14 -2.54 -4.85
C GLN B 9 13.95 -1.95 -3.69
N VAL B 10 15.23 -1.65 -3.95
CA VAL B 10 16.13 -1.02 -2.97
C VAL B 10 16.58 0.32 -3.51
N TYR B 11 16.48 1.36 -2.68
CA TYR B 11 16.64 2.73 -3.20
C TYR B 11 16.73 3.73 -2.07
N SER B 12 17.21 4.93 -2.36
CA SER B 12 17.28 5.99 -1.35
C SER B 12 16.08 6.92 -1.44
N ARG B 13 15.72 7.54 -0.31
CA ARG B 13 14.59 8.47 -0.22
C ARG B 13 14.84 9.72 -1.05
N HIS B 14 16.07 10.23 -0.96
CA HIS B 14 16.46 11.44 -1.70
C HIS B 14 17.61 11.09 -2.65
N PRO B 15 17.83 11.93 -3.67
CA PRO B 15 18.95 11.69 -4.59
C PRO B 15 20.24 11.51 -3.79
N ALA B 16 21.06 10.53 -4.15
CA ALA B 16 22.13 10.09 -3.27
C ALA B 16 23.43 10.86 -3.46
N GLU B 17 23.97 11.39 -2.37
CA GLU B 17 25.23 12.12 -2.40
C GLU B 17 26.13 11.78 -1.22
N ASN B 18 27.41 11.56 -1.51
CA ASN B 18 28.35 11.20 -0.47
C ASN B 18 28.48 12.30 0.57
N GLY B 19 28.41 11.92 1.85
CA GLY B 19 28.51 12.87 2.96
C GLY B 19 27.19 13.51 3.35
N LYS B 20 26.12 13.16 2.64
CA LYS B 20 24.83 13.82 2.87
C LYS B 20 23.77 12.83 3.33
N SER B 21 23.29 12.99 4.57
CA SER B 21 22.40 11.98 5.16
C SER B 21 21.07 11.83 4.39
N ASN B 22 20.48 10.66 4.55
CA ASN B 22 19.49 10.16 3.59
C ASN B 22 18.84 8.94 4.23
N PHE B 23 17.96 8.27 3.50
CA PHE B 23 17.33 7.05 3.98
C PHE B 23 17.45 5.94 2.95
N LEU B 24 17.88 4.76 3.40
CA LEU B 24 17.92 3.59 2.57
C LEU B 24 16.62 2.83 2.71
N ASN B 25 15.94 2.62 1.57
CA ASN B 25 14.64 1.95 1.53
C ASN B 25 14.75 0.57 0.90
N CYS B 26 14.02 -0.38 1.47
CA CYS B 26 13.75 -1.64 0.81
C CYS B 26 12.23 -1.86 0.78
N TYR B 27 11.66 -1.80 -0.43
CA TYR B 27 10.21 -1.91 -0.60
C TYR B 27 9.86 -3.30 -1.08
N VAL B 28 9.06 -4.01 -0.28
CA VAL B 28 8.67 -5.37 -0.61
C VAL B 28 7.16 -5.40 -0.83
N SER B 29 6.73 -5.99 -1.95
CA SER B 29 5.31 -5.97 -2.33
C SER B 29 4.89 -7.22 -3.11
N GLY B 30 3.58 -7.39 -3.27
CA GLY B 30 3.03 -8.50 -4.06
C GLY B 30 3.16 -9.87 -3.40
N PHE B 31 3.37 -9.90 -2.10
CA PHE B 31 3.59 -11.17 -1.42
C PHE B 31 2.40 -11.65 -0.57
N HIS B 32 2.32 -12.96 -0.38
CA HIS B 32 1.35 -13.60 0.49
C HIS B 32 1.91 -14.99 0.82
N PRO B 33 1.80 -15.44 2.08
CA PRO B 33 1.29 -14.76 3.29
C PRO B 33 2.13 -13.56 3.78
N SER B 34 1.67 -12.95 4.87
CA SER B 34 2.25 -11.72 5.40
C SER B 34 3.60 -11.87 6.10
N ASP B 35 3.88 -13.06 6.62
CA ASP B 35 5.16 -13.37 7.30
C ASP B 35 6.33 -13.17 6.33
N ILE B 36 7.28 -12.30 6.71
CA ILE B 36 8.44 -12.02 5.86
C ILE B 36 9.62 -11.51 6.70
N GLU B 37 10.83 -11.84 6.27
CA GLU B 37 12.04 -11.32 6.90
C GLU B 37 12.77 -10.38 5.95
N VAL B 38 12.99 -9.15 6.38
CA VAL B 38 13.69 -8.13 5.58
C VAL B 38 14.81 -7.50 6.38
N ASP B 39 16.03 -7.59 5.86
CA ASP B 39 17.19 -6.95 6.47
C ASP B 39 17.83 -5.98 5.49
N LEU B 40 18.34 -4.87 6.00
CA LEU B 40 19.20 -4.00 5.21
C LEU B 40 20.64 -4.34 5.58
N LEU B 41 21.49 -4.46 4.56
CA LEU B 41 22.91 -4.81 4.75
C LEU B 41 23.85 -3.67 4.38
N LYS B 42 24.86 -3.45 5.23
CA LYS B 42 25.98 -2.56 4.95
C LYS B 42 27.26 -3.39 4.84
N ASN B 43 27.84 -3.43 3.64
CA ASN B 43 29.01 -4.27 3.37
C ASN B 43 28.84 -5.73 3.83
N GLY B 44 27.66 -6.29 3.52
CA GLY B 44 27.32 -7.67 3.88
C GLY B 44 26.86 -7.91 5.31
N GLU B 45 26.86 -6.88 6.13
N GLU B 45 26.89 -6.88 6.14
CA GLU B 45 26.50 -7.00 7.55
CA GLU B 45 26.52 -6.99 7.55
C GLU B 45 25.14 -6.37 7.83
C GLU B 45 25.13 -6.40 7.78
N ARG B 46 24.33 -7.06 8.62
CA ARG B 46 22.97 -6.60 8.95
C ARG B 46 23.00 -5.29 9.75
N ILE B 47 22.24 -4.31 9.26
CA ILE B 47 22.02 -3.05 9.98
C ILE B 47 20.98 -3.29 11.07
N GLU B 48 21.27 -2.81 12.28
CA GLU B 48 20.42 -3.09 13.44
C GLU B 48 19.23 -2.14 13.60
N LYS B 49 19.44 -0.86 13.28
CA LYS B 49 18.37 0.12 13.47
C LYS B 49 17.52 0.28 12.20
N VAL B 50 16.56 -0.62 12.01
CA VAL B 50 15.73 -0.64 10.80
C VAL B 50 14.23 -0.60 11.14
N GLU B 51 13.53 0.40 10.62
CA GLU B 51 12.09 0.51 10.86
C GLU B 51 11.31 0.05 9.65
N HIS B 52 10.03 -0.28 9.85
CA HIS B 52 9.17 -0.63 8.74
C HIS B 52 7.78 -0.01 8.90
N SER B 53 7.09 0.17 7.76
CA SER B 53 5.71 0.65 7.75
C SER B 53 4.73 -0.34 8.38
N ASP B 54 3.51 0.14 8.65
CA ASP B 54 2.41 -0.73 9.07
C ASP B 54 1.92 -1.57 7.88
N LEU B 55 1.75 -2.87 8.13
CA LEU B 55 1.28 -3.82 7.12
C LEU B 55 -0.02 -3.37 6.48
N SER B 56 -0.01 -3.29 5.15
CA SER B 56 -1.19 -3.00 4.37
C SER B 56 -1.15 -3.86 3.11
N PHE B 57 -2.18 -3.77 2.27
CA PHE B 57 -2.27 -4.62 1.09
C PHE B 57 -2.96 -3.93 -0.10
N SER B 58 -2.73 -4.48 -1.29
CA SER B 58 -3.31 -3.97 -2.52
C SER B 58 -4.67 -4.61 -2.80
N LYS B 59 -5.31 -4.14 -3.87
CA LYS B 59 -6.58 -4.67 -4.37
C LYS B 59 -6.60 -6.18 -4.52
N ASP B 60 -5.52 -6.74 -5.05
CA ASP B 60 -5.42 -8.18 -5.24
C ASP B 60 -5.13 -8.93 -3.95
N TRP B 61 -5.21 -8.22 -2.81
CA TRP B 61 -4.94 -8.77 -1.47
C TRP B 61 -3.47 -9.02 -1.15
N SER B 62 -2.56 -8.72 -2.07
CA SER B 62 -1.14 -8.94 -1.76
C SER B 62 -0.59 -7.83 -0.84
N PHE B 63 0.36 -8.19 0.03
CA PHE B 63 0.89 -7.29 1.05
C PHE B 63 2.06 -6.46 0.55
N TYR B 64 2.23 -5.29 1.16
CA TYR B 64 3.42 -4.49 0.91
C TYR B 64 3.93 -3.86 2.21
N LEU B 65 5.27 -3.78 2.32
CA LEU B 65 5.95 -3.14 3.44
C LEU B 65 7.14 -2.33 2.95
N LEU B 66 7.39 -1.19 3.59
CA LEU B 66 8.61 -0.41 3.38
C LEU B 66 9.49 -0.54 4.62
N TYR B 67 10.70 -1.03 4.43
CA TYR B 67 11.72 -1.03 5.47
C TYR B 67 12.69 0.09 5.17
N TYR B 68 13.13 0.81 6.20
CA TYR B 68 13.99 1.97 5.98
C TYR B 68 14.90 2.22 7.18
N THR B 69 16.06 2.82 6.88
CA THR B 69 17.03 3.24 7.90
C THR B 69 17.73 4.53 7.44
N GLU B 70 18.13 5.37 8.40
CA GLU B 70 18.97 6.54 8.11
C GLU B 70 20.38 6.09 7.77
N PHE B 71 20.97 6.72 6.76
CA PHE B 71 22.36 6.45 6.39
C PHE B 71 22.99 7.63 5.65
N THR B 72 24.31 7.73 5.75
CA THR B 72 25.09 8.70 4.98
C THR B 72 25.92 7.91 3.96
N PRO B 73 25.57 8.03 2.66
CA PRO B 73 26.35 7.32 1.65
C PRO B 73 27.83 7.74 1.62
N THR B 74 28.71 6.79 1.29
CA THR B 74 30.10 7.09 0.95
C THR B 74 30.46 6.36 -0.34
N GLU B 75 31.59 6.72 -0.94
CA GLU B 75 32.06 6.07 -2.17
C GLU B 75 32.19 4.55 -1.97
N LYS B 76 32.67 4.15 -0.79
CA LYS B 76 33.12 2.79 -0.59
C LYS B 76 32.06 1.81 -0.04
N ASP B 77 31.06 2.33 0.66
CA ASP B 77 30.09 1.44 1.29
C ASP B 77 29.12 0.86 0.27
N GLU B 78 28.90 -0.44 0.36
CA GLU B 78 27.93 -1.12 -0.49
C GLU B 78 26.71 -1.49 0.35
N TYR B 79 25.52 -1.24 -0.18
CA TYR B 79 24.29 -1.55 0.53
C TYR B 79 23.43 -2.53 -0.26
N ALA B 80 22.63 -3.31 0.48
CA ALA B 80 21.77 -4.34 -0.10
C ALA B 80 20.55 -4.59 0.78
N CYS B 81 19.56 -5.30 0.23
CA CYS B 81 18.41 -5.76 1.02
C CYS B 81 18.29 -7.26 0.88
N ARG B 82 18.20 -7.94 2.02
CA ARG B 82 18.06 -9.41 2.06
C ARG B 82 16.64 -9.78 2.52
N VAL B 83 15.95 -10.54 1.68
CA VAL B 83 14.56 -10.91 1.90
C VAL B 83 14.43 -12.43 2.01
N ASN B 84 13.77 -12.91 3.06
CA ASN B 84 13.33 -14.31 3.09
C ASN B 84 11.83 -14.44 3.30
N HIS B 85 11.23 -15.43 2.65
CA HIS B 85 9.79 -15.64 2.61
C HIS B 85 9.55 -17.11 2.30
N VAL B 86 8.37 -17.62 2.62
CA VAL B 86 8.07 -19.06 2.43
C VAL B 86 8.27 -19.50 0.97
N THR B 87 8.03 -18.59 0.04
CA THR B 87 8.15 -18.84 -1.40
C THR B 87 9.61 -18.91 -1.89
N LEU B 88 10.56 -18.56 -1.01
CA LEU B 88 11.97 -18.52 -1.41
C LEU B 88 12.77 -19.66 -0.80
N SER B 89 13.52 -20.38 -1.64
CA SER B 89 14.36 -21.49 -1.19
C SER B 89 15.63 -20.99 -0.51
N GLN B 90 16.11 -19.83 -0.95
CA GLN B 90 17.26 -19.17 -0.36
C GLN B 90 16.92 -17.68 -0.21
N PRO B 91 17.46 -17.01 0.82
CA PRO B 91 17.26 -15.54 0.88
C PRO B 91 17.65 -14.85 -0.43
N LYS B 92 16.88 -13.84 -0.81
CA LYS B 92 17.15 -13.06 -2.01
C LYS B 92 17.85 -11.76 -1.65
N ILE B 93 18.96 -11.47 -2.32
CA ILE B 93 19.72 -10.25 -2.07
C ILE B 93 19.67 -9.32 -3.26
N VAL B 94 19.20 -8.10 -3.03
CA VAL B 94 19.19 -7.07 -4.07
C VAL B 94 20.12 -5.96 -3.62
N LYS B 95 21.09 -5.62 -4.47
CA LYS B 95 22.05 -4.57 -4.16
C LYS B 95 21.46 -3.21 -4.49
N TRP B 96 21.77 -2.22 -3.66
CA TRP B 96 21.45 -0.84 -3.99
C TRP B 96 22.40 -0.35 -5.10
N ASP B 97 21.82 0.14 -6.18
CA ASP B 97 22.59 0.67 -7.28
C ASP B 97 22.23 2.13 -7.39
N ARG B 98 23.16 2.99 -7.00
CA ARG B 98 22.92 4.43 -6.93
C ARG B 98 23.00 5.14 -8.29
N ASP B 99 23.64 4.49 -9.26
CA ASP B 99 23.77 5.03 -10.63
C ASP B 99 22.52 4.87 -11.50
N MET B 100 21.56 4.07 -11.03
CA MET B 100 20.33 3.75 -11.78
C MET B 100 19.65 4.97 -12.42
N ASN C 1 -13.02 7.93 10.40
CA ASN C 1 -14.08 7.45 11.35
C ASN C 1 -14.55 6.06 10.96
N LEU C 2 -14.23 5.07 11.81
CA LEU C 2 -14.53 3.66 11.55
C LEU C 2 -16.03 3.37 11.57
N VAL C 3 -16.44 2.33 10.83
CA VAL C 3 -17.81 1.85 10.84
C VAL C 3 -18.18 1.43 12.28
N PRO C 4 -19.42 1.75 12.74
CA PRO C 4 -19.81 1.46 14.13
C PRO C 4 -19.88 -0.03 14.50
N MET C 5 -20.19 -0.88 13.53
CA MET C 5 -20.51 -2.28 13.80
C MET C 5 -19.93 -3.15 12.69
N VAL C 6 -19.39 -4.30 13.07
CA VAL C 6 -18.80 -5.23 12.13
C VAL C 6 -19.42 -6.60 12.37
N ALA C 7 -20.34 -6.99 11.49
CA ALA C 7 -20.98 -8.30 11.60
C ALA C 7 -19.98 -9.45 11.37
N VAL C 8 -20.19 -10.49 12.15
CA VAL C 8 -19.43 -11.73 12.14
CA VAL C 8 -19.39 -11.71 12.11
C VAL C 8 -19.80 -12.56 10.89
N VAL C 9 -18.82 -13.25 10.26
CA VAL C 9 -19.12 -14.12 9.08
C VAL C 9 -19.86 -15.41 9.43
#